data_1R9Q
#
_entry.id   1R9Q
#
_cell.length_a   47.710
_cell.length_b   54.980
_cell.length_c   115.730
_cell.angle_alpha   90.00
_cell.angle_beta   90.00
_cell.angle_gamma   90.00
#
_symmetry.space_group_name_H-M   'P 21 21 21'
#
loop_
_entity.id
_entity.type
_entity.pdbx_description
1 polymer 'Glycine betaine-binding periplasmic protein'
2 non-polymer 'UNKNOWN ATOM OR ION'
3 non-polymer 1,1-DIMETHYL-PROLINIUM
4 water water
#
_entity_poly.entity_id   1
_entity_poly.type   'polypeptide(L)'
_entity_poly.pdbx_seq_one_letter_code
;ADLPGKGITVNPVQSTITEETFQTLLVSRALEKLGYTVNKPSEVDYNVGYTSLASGDATFTAVNWTPLHDNMYEAAGGDK
KFYREGVFVNGAAQGYLIDKKTADQYKITNIAQLKDPKIAKLFDTNGDGKADLTGCNPGWGCEGAINHQLAAYELTNTVT
HNQGNYAAMMADTISRYKEGKPVFYYTWTPYWVSNELKPGKDVVWLQVPFSALPGDKNADTKLPNGANYGFPVSTMHIVA
NKAWAEKNPAAAKLFAIMQLPVADINAQNAIMHDGKASEGDIQGHVDGWIKAHQQQFDGWVNEALAAQK
;
_entity_poly.pdbx_strand_id   A
#
loop_
_chem_comp.id
_chem_comp.type
_chem_comp.name
_chem_comp.formula
PBE non-polymer 1,1-DIMETHYL-PROLINIUM 'C7 H14 N O2 1'
UNX non-polymer 'UNKNOWN ATOM OR ION' ?
#
# COMPACT_ATOMS: atom_id res chain seq x y z
N ALA A 1 37.09 -11.10 6.00
CA ALA A 1 36.98 -9.64 5.68
C ALA A 1 35.89 -9.37 4.62
N ASP A 2 35.93 -10.14 3.52
CA ASP A 2 35.05 -9.91 2.37
C ASP A 2 33.56 -10.01 2.73
N LEU A 3 32.83 -8.95 2.38
CA LEU A 3 31.41 -8.87 2.62
C LEU A 3 30.63 -9.94 1.85
N PRO A 4 29.56 -10.46 2.47
CA PRO A 4 28.87 -11.65 1.95
C PRO A 4 28.20 -11.50 0.57
N GLY A 5 27.82 -10.30 0.17
CA GLY A 5 27.15 -10.08 -1.11
C GLY A 5 28.07 -9.68 -2.26
N LYS A 6 29.38 -9.70 -2.03
CA LYS A 6 30.37 -9.39 -3.06
C LYS A 6 30.11 -10.24 -4.31
N GLY A 7 29.94 -9.55 -5.45
CA GLY A 7 29.79 -10.21 -6.73
C GLY A 7 28.39 -10.65 -7.10
N ILE A 8 27.46 -10.53 -6.15
CA ILE A 8 26.09 -10.99 -6.34
C ILE A 8 25.21 -9.78 -6.65
N THR A 9 24.38 -9.92 -7.69
CA THR A 9 23.54 -8.83 -8.13
C THR A 9 22.11 -9.02 -7.66
N VAL A 10 21.50 -7.94 -7.20
CA VAL A 10 20.13 -7.93 -6.70
C VAL A 10 19.22 -7.06 -7.59
N ASN A 11 18.06 -7.61 -7.95
CA ASN A 11 17.03 -6.91 -8.73
C ASN A 11 15.75 -6.66 -7.91
N PRO A 12 15.58 -5.47 -7.35
CA PRO A 12 14.33 -5.16 -6.64
C PRO A 12 13.18 -5.01 -7.62
N VAL A 13 11.97 -5.26 -7.14
CA VAL A 13 10.76 -4.93 -7.88
C VAL A 13 9.78 -4.18 -6.97
N GLN A 14 9.08 -3.23 -7.56
CA GLN A 14 8.00 -2.46 -6.92
C GLN A 14 6.94 -2.23 -8.00
N SER A 15 5.85 -1.56 -7.67
CA SER A 15 4.89 -1.19 -8.71
C SER A 15 5.27 0.13 -9.37
N THR A 16 4.41 0.64 -10.25
CA THR A 16 4.61 1.94 -10.87
C THR A 16 4.19 3.09 -9.96
N ILE A 17 3.72 2.79 -8.76
CA ILE A 17 3.48 3.78 -7.73
C ILE A 17 4.82 4.31 -7.20
N THR A 18 5.16 5.53 -7.61
CA THR A 18 6.42 6.19 -7.26
C THR A 18 6.59 6.35 -5.74
N GLU A 19 5.49 6.35 -5.02
CA GLU A 19 5.50 6.51 -3.57
C GLU A 19 6.05 5.27 -2.85
N GLU A 20 6.26 4.19 -3.59
CA GLU A 20 6.86 2.95 -3.11
C GLU A 20 8.40 2.94 -3.19
N THR A 21 8.96 3.94 -3.84
CA THR A 21 10.38 3.98 -4.14
C THR A 21 11.25 4.18 -2.91
N PHE A 22 10.83 5.07 -2.03
CA PHE A 22 11.55 5.36 -0.79
C PHE A 22 11.87 4.08 0.03
N GLN A 23 10.84 3.28 0.31
CA GLN A 23 11.05 2.09 1.17
C GLN A 23 11.83 1.00 0.44
N THR A 24 11.67 0.93 -0.88
CA THR A 24 12.42 0.00 -1.69
C THR A 24 13.90 0.30 -1.66
N LEU A 25 14.24 1.57 -1.87
CA LEU A 25 15.65 1.99 -1.86
C LEU A 25 16.27 1.91 -0.47
N LEU A 26 15.47 2.02 0.59
CA LEU A 26 15.99 1.88 1.94
C LEU A 26 16.58 0.47 2.08
N VAL A 27 15.85 -0.54 1.60
CA VAL A 27 16.35 -1.90 1.61
C VAL A 27 17.58 -2.07 0.72
N SER A 28 17.55 -1.40 -0.43
CA SER A 28 18.68 -1.45 -1.35
C SER A 28 19.94 -0.94 -0.67
N ARG A 29 19.83 0.15 0.09
CA ARG A 29 20.99 0.74 0.77
C ARG A 29 21.58 -0.24 1.79
N ALA A 30 20.72 -0.98 2.47
CA ALA A 30 21.13 -1.91 3.49
C ALA A 30 21.88 -3.07 2.84
N LEU A 31 21.37 -3.56 1.72
CA LEU A 31 22.00 -4.64 0.99
C LEU A 31 23.36 -4.23 0.44
N GLU A 32 23.51 -2.96 0.04
CA GLU A 32 24.77 -2.44 -0.44
C GLU A 32 25.82 -2.47 0.68
N LYS A 33 25.40 -2.19 1.91
CA LYS A 33 26.30 -2.31 3.06
C LYS A 33 26.70 -3.77 3.34
N LEU A 34 25.88 -4.72 2.92
CA LEU A 34 26.24 -6.13 3.02
C LEU A 34 27.07 -6.59 1.81
N GLY A 35 27.36 -5.68 0.89
CA GLY A 35 28.29 -5.94 -0.21
C GLY A 35 27.63 -6.22 -1.56
N TYR A 36 26.31 -6.39 -1.59
CA TYR A 36 25.58 -6.70 -2.82
C TYR A 36 25.62 -5.55 -3.84
N THR A 37 25.58 -5.92 -5.11
CA THR A 37 25.34 -4.98 -6.18
C THR A 37 23.84 -4.92 -6.37
N VAL A 38 23.26 -3.75 -6.17
CA VAL A 38 21.82 -3.59 -6.31
C VAL A 38 21.48 -2.72 -7.54
N ASN A 39 20.72 -3.29 -8.45
CA ASN A 39 20.17 -2.54 -9.59
C ASN A 39 18.99 -1.69 -9.18
N LYS A 40 18.66 -0.73 -10.04
CA LYS A 40 17.49 0.10 -9.82
C LYS A 40 16.27 -0.82 -9.91
N PRO A 41 15.23 -0.50 -9.14
CA PRO A 41 14.02 -1.32 -9.13
C PRO A 41 13.37 -1.37 -10.49
N SER A 42 12.80 -2.52 -10.83
CA SER A 42 11.87 -2.60 -11.94
C SER A 42 10.50 -2.23 -11.40
N GLU A 43 9.75 -1.47 -12.18
CA GLU A 43 8.43 -1.01 -11.81
C GLU A 43 7.46 -1.70 -12.75
N VAL A 44 6.76 -2.68 -12.21
CA VAL A 44 5.81 -3.50 -12.97
C VAL A 44 4.52 -3.72 -12.17
N ASP A 45 3.46 -4.14 -12.85
CA ASP A 45 2.22 -4.51 -12.16
C ASP A 45 2.53 -5.53 -11.05
N TYR A 46 1.83 -5.44 -9.92
CA TYR A 46 2.10 -6.30 -8.76
C TYR A 46 2.14 -7.77 -9.15
N ASN A 47 1.16 -8.22 -9.94
CA ASN A 47 1.07 -9.64 -10.29
C ASN A 47 2.27 -10.09 -11.09
N VAL A 48 2.76 -9.23 -11.97
CA VAL A 48 3.98 -9.47 -12.75
C VAL A 48 5.19 -9.49 -11.83
N GLY A 49 5.17 -8.66 -10.79
CA GLY A 49 6.22 -8.69 -9.78
C GLY A 49 6.32 -10.04 -9.08
N TYR A 50 5.19 -10.58 -8.65
CA TYR A 50 5.16 -11.86 -7.93
C TYR A 50 5.61 -13.07 -8.77
N THR A 51 5.24 -13.10 -10.05
CA THR A 51 5.68 -14.19 -10.94
C THR A 51 7.16 -14.06 -11.21
N SER A 52 7.64 -12.84 -11.44
CA SER A 52 9.09 -12.61 -11.58
C SER A 52 9.88 -13.01 -10.33
N LEU A 53 9.34 -12.73 -9.15
CA LEU A 53 9.97 -13.12 -7.91
C LEU A 53 10.01 -14.66 -7.78
N ALA A 54 8.93 -15.33 -8.17
CA ALA A 54 8.83 -16.78 -8.04
C ALA A 54 9.79 -17.49 -9.01
N SER A 55 10.06 -16.89 -10.17
CA SER A 55 10.97 -17.46 -11.16
C SER A 55 12.46 -17.19 -10.87
N GLY A 56 12.74 -16.14 -10.09
CA GLY A 56 14.11 -15.75 -9.81
C GLY A 56 14.65 -14.63 -10.68
N ASP A 57 13.81 -14.10 -11.56
CA ASP A 57 14.16 -12.92 -12.37
C ASP A 57 14.27 -11.67 -11.49
N ALA A 58 13.44 -11.63 -10.43
CA ALA A 58 13.50 -10.56 -9.43
C ALA A 58 13.93 -11.17 -8.10
N THR A 59 14.58 -10.37 -7.26
CA THR A 59 15.17 -10.86 -6.02
C THR A 59 14.24 -10.60 -4.83
N PHE A 60 13.81 -9.34 -4.68
CA PHE A 60 12.93 -8.97 -3.58
C PHE A 60 11.92 -7.89 -3.97
N THR A 61 10.82 -7.83 -3.23
CA THR A 61 9.95 -6.67 -3.16
C THR A 61 9.79 -6.26 -1.71
N ALA A 62 9.50 -5.00 -1.49
CA ALA A 62 9.28 -4.45 -0.15
C ALA A 62 7.88 -3.87 0.00
N VAL A 63 6.99 -4.21 -0.93
CA VAL A 63 5.63 -3.68 -0.94
C VAL A 63 4.58 -4.81 -0.99
N ASN A 64 4.86 -5.92 -0.32
CA ASN A 64 3.90 -7.01 -0.24
C ASN A 64 2.88 -6.60 0.82
N TRP A 65 1.64 -6.43 0.43
CA TRP A 65 0.59 -6.05 1.37
C TRP A 65 -0.20 -7.28 1.87
N THR A 66 -0.51 -7.29 3.17
CA THR A 66 -1.43 -8.25 3.80
C THR A 66 -2.59 -7.42 4.31
N PRO A 67 -3.85 -7.78 4.00
CA PRO A 67 -4.23 -8.98 3.27
C PRO A 67 -4.46 -8.77 1.76
N LEU A 68 -4.31 -7.55 1.26
CA LEU A 68 -4.71 -7.21 -0.10
C LEU A 68 -3.99 -7.99 -1.19
N HIS A 69 -2.78 -8.48 -0.92
CA HIS A 69 -2.00 -9.26 -1.89
C HIS A 69 -2.08 -10.80 -1.66
N ASP A 70 -2.83 -11.27 -0.67
CA ASP A 70 -2.82 -12.69 -0.30
C ASP A 70 -3.15 -13.56 -1.49
N ASN A 71 -4.18 -13.17 -2.25
CA ASN A 71 -4.59 -13.95 -3.40
C ASN A 71 -3.51 -14.02 -4.49
N MET A 72 -2.80 -12.93 -4.75
CA MET A 72 -1.72 -12.94 -5.74
C MET A 72 -0.52 -13.70 -5.23
N TYR A 73 -0.28 -13.62 -3.91
CA TYR A 73 0.85 -14.30 -3.26
C TYR A 73 0.69 -15.81 -3.34
N GLU A 74 -0.48 -16.32 -2.93
CA GLU A 74 -0.78 -17.75 -2.98
C GLU A 74 -0.78 -18.25 -4.43
N ALA A 75 -1.46 -17.55 -5.31
CA ALA A 75 -1.50 -17.93 -6.74
C ALA A 75 -0.13 -18.10 -7.37
N ALA A 76 0.86 -17.29 -6.98
CA ALA A 76 2.19 -17.35 -7.60
C ALA A 76 3.11 -18.42 -6.96
N GLY A 77 2.64 -19.10 -5.93
CA GLY A 77 3.40 -20.17 -5.30
C GLY A 77 3.37 -20.17 -3.79
N GLY A 78 3.03 -19.04 -3.20
CA GLY A 78 2.92 -18.92 -1.75
C GLY A 78 4.22 -19.23 -1.05
N ASP A 79 4.11 -19.85 0.12
CA ASP A 79 5.28 -20.13 0.95
C ASP A 79 6.25 -21.14 0.33
N LYS A 80 5.82 -21.87 -0.69
CA LYS A 80 6.70 -22.79 -1.42
C LYS A 80 7.73 -22.07 -2.30
N LYS A 81 7.37 -20.92 -2.88
CA LYS A 81 8.29 -20.18 -3.74
C LYS A 81 8.87 -18.90 -3.09
N PHE A 82 8.31 -18.44 -1.97
CA PHE A 82 8.69 -17.17 -1.35
C PHE A 82 9.21 -17.32 0.08
N TYR A 83 10.24 -16.54 0.38
CA TYR A 83 10.65 -16.23 1.74
C TYR A 83 9.97 -14.93 2.20
N ARG A 84 9.26 -15.01 3.34
CA ARG A 84 8.65 -13.85 3.98
C ARG A 84 8.69 -13.98 5.50
N GLU A 85 9.53 -13.16 6.12
CA GLU A 85 9.65 -13.11 7.59
C GLU A 85 9.48 -11.70 8.10
N GLY A 86 8.91 -11.55 9.29
CA GLY A 86 8.80 -10.27 9.94
C GLY A 86 7.73 -9.34 9.41
N VAL A 87 7.78 -8.09 9.84
CA VAL A 87 6.82 -7.07 9.40
C VAL A 87 7.60 -5.80 9.08
N PHE A 88 7.63 -5.41 7.80
CA PHE A 88 8.35 -4.23 7.35
C PHE A 88 7.63 -2.91 7.74
N VAL A 89 6.34 -2.83 7.49
CA VAL A 89 5.54 -1.66 7.83
C VAL A 89 4.27 -2.13 8.53
N ASN A 90 4.06 -1.66 9.75
CA ASN A 90 2.86 -1.94 10.51
C ASN A 90 1.97 -0.72 10.57
N GLY A 91 0.67 -0.92 10.77
CA GLY A 91 -0.20 0.20 11.12
C GLY A 91 -0.76 1.02 9.95
N ALA A 92 -0.81 0.43 8.77
CA ALA A 92 -1.45 1.05 7.62
C ALA A 92 -2.98 0.96 7.73
N ALA A 93 -3.65 1.96 7.18
CA ALA A 93 -5.09 2.02 7.21
C ALA A 93 -5.58 2.16 5.76
N GLN A 94 -6.79 1.69 5.50
CA GLN A 94 -7.45 1.95 4.22
C GLN A 94 -8.97 1.97 4.44
N GLY A 95 -9.69 2.42 3.42
CA GLY A 95 -11.13 2.51 3.50
C GLY A 95 -11.77 3.54 2.59
N TYR A 96 -13.03 3.82 2.88
CA TYR A 96 -13.87 4.70 2.08
C TYR A 96 -14.15 5.97 2.84
N LEU A 97 -14.04 7.09 2.15
CA LEU A 97 -14.28 8.39 2.77
C LEU A 97 -15.23 9.24 1.93
N ILE A 98 -16.00 10.06 2.62
CA ILE A 98 -16.77 11.13 1.98
C ILE A 98 -16.44 12.46 2.66
N ASP A 99 -16.76 13.56 2.03
CA ASP A 99 -16.51 14.86 2.64
C ASP A 99 -17.33 15.00 3.92
N LYS A 100 -16.73 15.62 4.92
CA LYS A 100 -17.35 15.81 6.22
C LYS A 100 -18.62 16.71 6.18
N LYS A 101 -18.61 17.71 5.30
CA LYS A 101 -19.74 18.63 5.13
C LYS A 101 -21.02 17.85 4.77
N THR A 102 -20.93 17.00 3.76
CA THR A 102 -22.05 16.16 3.35
C THR A 102 -22.41 15.11 4.41
N ALA A 103 -21.40 14.46 5.00
CA ALA A 103 -21.65 13.47 6.04
C ALA A 103 -22.44 14.05 7.22
N ASP A 104 -22.09 15.26 7.64
CA ASP A 104 -22.72 15.90 8.80
C ASP A 104 -24.17 16.34 8.50
N GLN A 105 -24.40 16.83 7.29
CA GLN A 105 -25.70 17.35 6.86
C GLN A 105 -26.75 16.25 6.76
N TYR A 106 -26.39 15.14 6.10
CA TYR A 106 -27.33 14.05 5.84
C TYR A 106 -27.13 12.87 6.80
N LYS A 107 -26.26 13.05 7.79
CA LYS A 107 -25.98 12.03 8.82
C LYS A 107 -25.60 10.66 8.22
N ILE A 108 -24.62 10.68 7.31
CA ILE A 108 -24.08 9.47 6.66
C ILE A 108 -22.86 8.94 7.41
N THR A 109 -22.98 7.76 8.01
CA THR A 109 -21.87 7.11 8.71
C THR A 109 -21.49 5.75 8.14
N ASN A 110 -22.33 5.20 7.27
CA ASN A 110 -22.16 3.82 6.78
C ASN A 110 -22.37 3.82 5.26
N ILE A 111 -21.53 3.10 4.53
CA ILE A 111 -21.62 3.02 3.08
C ILE A 111 -22.96 2.39 2.62
N ALA A 112 -23.54 1.55 3.46
CA ALA A 112 -24.87 0.96 3.19
C ALA A 112 -25.96 2.00 2.94
N GLN A 113 -25.77 3.22 3.45
CA GLN A 113 -26.72 4.31 3.21
C GLN A 113 -26.77 4.78 1.76
N LEU A 114 -25.71 4.48 0.99
CA LEU A 114 -25.69 4.78 -0.44
C LEU A 114 -26.59 3.86 -1.29
N LYS A 115 -27.26 2.89 -0.67
CA LYS A 115 -28.35 2.15 -1.33
C LYS A 115 -29.55 3.04 -1.64
N ASP A 116 -29.70 4.14 -0.90
CA ASP A 116 -30.76 5.11 -1.16
C ASP A 116 -30.31 6.02 -2.33
N PRO A 117 -31.01 5.96 -3.47
CA PRO A 117 -30.60 6.71 -4.68
C PRO A 117 -30.53 8.22 -4.49
N LYS A 118 -31.30 8.77 -3.57
CA LYS A 118 -31.19 10.18 -3.21
C LYS A 118 -29.85 10.57 -2.60
N ILE A 119 -29.35 9.71 -1.72
CA ILE A 119 -28.04 9.90 -1.08
C ILE A 119 -26.95 9.68 -2.14
N ALA A 120 -27.08 8.61 -2.92
CA ALA A 120 -26.11 8.29 -3.95
C ALA A 120 -25.92 9.40 -5.00
N LYS A 121 -27.00 10.09 -5.32
CA LYS A 121 -27.02 11.16 -6.31
C LYS A 121 -26.12 12.33 -5.91
N LEU A 122 -25.95 12.54 -4.60
CA LEU A 122 -25.07 13.58 -4.08
C LEU A 122 -23.66 13.48 -4.63
N PHE A 123 -23.23 12.25 -4.92
CA PHE A 123 -21.87 11.92 -5.31
C PHE A 123 -21.73 11.57 -6.78
N ASP A 124 -22.79 11.80 -7.54
CA ASP A 124 -22.81 11.57 -8.98
C ASP A 124 -22.05 12.72 -9.68
N THR A 125 -21.00 12.40 -10.43
CA THR A 125 -20.25 13.41 -11.20
C THR A 125 -20.51 13.35 -12.71
N ASN A 126 -21.04 12.24 -13.23
CA ASN A 126 -21.26 12.12 -14.68
C ASN A 126 -22.72 12.08 -15.13
N GLY A 127 -23.66 12.30 -14.20
CA GLY A 127 -25.09 12.36 -14.47
C GLY A 127 -25.89 11.07 -14.67
N ASP A 128 -25.31 9.90 -14.43
CA ASP A 128 -26.08 8.67 -14.60
C ASP A 128 -26.92 8.26 -13.37
N GLY A 129 -26.97 9.11 -12.35
CA GLY A 129 -27.67 8.80 -11.12
C GLY A 129 -26.90 8.01 -10.05
N LYS A 130 -25.81 7.33 -10.43
CA LYS A 130 -25.01 6.50 -9.53
C LYS A 130 -23.88 7.31 -8.88
N ALA A 131 -23.59 7.00 -7.61
CA ALA A 131 -22.44 7.59 -6.92
C ALA A 131 -21.14 7.13 -7.57
N ASP A 132 -20.24 8.08 -7.78
CA ASP A 132 -18.96 7.82 -8.45
C ASP A 132 -17.84 7.69 -7.43
N LEU A 133 -17.44 6.44 -7.16
CA LEU A 133 -16.35 6.13 -6.25
C LEU A 133 -15.01 6.18 -6.96
N THR A 134 -14.14 7.08 -6.53
CA THR A 134 -12.77 7.10 -7.05
C THR A 134 -12.07 5.89 -6.47
N GLY A 135 -11.79 4.91 -7.34
CA GLY A 135 -11.18 3.68 -6.92
C GLY A 135 -9.87 3.29 -7.56
N CYS A 136 -9.63 1.99 -7.56
CA CYS A 136 -8.31 1.45 -7.77
C CYS A 136 -8.00 1.07 -9.21
N ASN A 137 -6.72 1.19 -9.55
CA ASN A 137 -6.22 0.84 -10.87
C ASN A 137 -6.40 -0.65 -11.11
N PRO A 138 -6.63 -1.07 -12.36
CA PRO A 138 -6.59 -2.48 -12.71
C PRO A 138 -5.30 -3.12 -12.23
N GLY A 139 -5.40 -4.27 -11.57
CA GLY A 139 -4.21 -4.95 -11.06
C GLY A 139 -3.88 -4.70 -9.61
N TRP A 140 -4.38 -3.61 -9.01
CA TRP A 140 -4.19 -3.38 -7.59
C TRP A 140 -5.03 -4.36 -6.79
N GLY A 141 -4.52 -4.78 -5.64
CA GLY A 141 -5.24 -5.63 -4.73
C GLY A 141 -6.55 -5.05 -4.28
N CYS A 142 -6.61 -3.72 -4.15
CA CYS A 142 -7.83 -3.06 -3.72
C CYS A 142 -8.91 -3.06 -4.80
N GLU A 143 -8.53 -3.25 -6.06
CA GLU A 143 -9.52 -3.45 -7.12
C GLU A 143 -10.45 -4.58 -6.72
N GLY A 144 -9.87 -5.73 -6.40
CA GLY A 144 -10.66 -6.90 -6.06
C GLY A 144 -11.45 -6.75 -4.78
N ALA A 145 -10.89 -6.05 -3.80
CA ALA A 145 -11.59 -5.85 -2.54
C ALA A 145 -12.83 -4.97 -2.72
N ILE A 146 -12.70 -3.90 -3.49
CA ILE A 146 -13.79 -2.95 -3.68
C ILE A 146 -14.90 -3.61 -4.49
N ASN A 147 -14.53 -4.31 -5.56
CA ASN A 147 -15.52 -5.00 -6.41
C ASN A 147 -16.33 -6.01 -5.61
N HIS A 148 -15.63 -6.76 -4.77
CA HIS A 148 -16.25 -7.76 -3.92
C HIS A 148 -17.21 -7.13 -2.93
N GLN A 149 -16.83 -6.00 -2.33
CA GLN A 149 -17.62 -5.34 -1.32
C GLN A 149 -18.84 -4.63 -1.90
N LEU A 150 -18.72 -3.99 -3.06
CA LEU A 150 -19.86 -3.32 -3.64
C LEU A 150 -20.98 -4.35 -3.93
N ALA A 151 -20.57 -5.54 -4.36
CA ALA A 151 -21.52 -6.62 -4.66
C ALA A 151 -22.13 -7.17 -3.38
N ALA A 152 -21.30 -7.40 -2.37
CA ALA A 152 -21.75 -7.98 -1.10
C ALA A 152 -22.70 -7.05 -0.33
N TYR A 153 -22.46 -5.75 -0.40
CA TYR A 153 -23.28 -4.76 0.29
C TYR A 153 -24.48 -4.28 -0.55
N GLU A 154 -24.69 -4.88 -1.72
CA GLU A 154 -25.82 -4.60 -2.60
C GLU A 154 -25.81 -3.15 -3.08
N LEU A 155 -24.63 -2.69 -3.50
CA LEU A 155 -24.42 -1.31 -3.90
C LEU A 155 -24.24 -1.11 -5.42
N THR A 156 -24.23 -2.18 -6.21
CA THR A 156 -23.93 -2.04 -7.64
C THR A 156 -24.99 -1.24 -8.41
N ASN A 157 -26.20 -1.14 -7.88
CA ASN A 157 -27.24 -0.36 -8.55
C ASN A 157 -27.16 1.14 -8.33
N THR A 158 -26.42 1.60 -7.31
CA THR A 158 -26.33 3.02 -6.97
C THR A 158 -24.89 3.54 -6.91
N VAL A 159 -23.89 2.69 -7.12
CA VAL A 159 -22.48 3.06 -6.96
C VAL A 159 -21.67 2.50 -8.08
N THR A 160 -20.83 3.34 -8.66
CA THR A 160 -19.91 2.95 -9.69
C THR A 160 -18.47 3.02 -9.17
N HIS A 161 -17.73 1.95 -9.38
CA HIS A 161 -16.30 1.89 -9.14
C HIS A 161 -15.56 2.51 -10.30
N ASN A 162 -15.15 3.77 -10.15
CA ASN A 162 -14.41 4.47 -11.19
C ASN A 162 -12.94 4.04 -11.13
N GLN A 163 -12.46 3.48 -12.24
CA GLN A 163 -11.09 3.02 -12.35
C GLN A 163 -10.34 3.71 -13.47
N GLY A 164 -9.06 3.91 -13.27
CA GLY A 164 -8.22 4.49 -14.29
C GLY A 164 -6.85 4.71 -13.73
N ASN A 165 -6.48 5.98 -13.64
CA ASN A 165 -5.26 6.39 -12.98
C ASN A 165 -5.66 7.07 -11.69
N TYR A 166 -5.44 6.38 -10.58
CA TYR A 166 -5.90 6.85 -9.27
C TYR A 166 -5.32 8.20 -8.88
N ALA A 167 -4.02 8.40 -9.10
CA ALA A 167 -3.39 9.67 -8.72
C ALA A 167 -4.00 10.87 -9.46
N ALA A 168 -4.26 10.71 -10.76
CA ALA A 168 -4.86 11.78 -11.56
C ALA A 168 -6.33 12.01 -11.18
N MET A 169 -7.04 10.92 -10.94
CA MET A 169 -8.44 11.00 -10.55
C MET A 169 -8.59 11.71 -9.19
N MET A 170 -7.65 11.46 -8.29
CA MET A 170 -7.73 12.05 -6.95
C MET A 170 -7.43 13.53 -7.00
N ALA A 171 -6.63 14.00 -7.96
CA ALA A 171 -6.44 15.44 -8.15
C ALA A 171 -7.74 16.10 -8.55
N ASP A 172 -8.51 15.48 -9.45
CA ASP A 172 -9.83 15.94 -9.83
C ASP A 172 -10.81 15.91 -8.65
N THR A 173 -10.68 14.89 -7.82
CA THR A 173 -11.54 14.76 -6.65
C THR A 173 -11.26 15.86 -5.65
N ILE A 174 -9.99 16.16 -5.41
CA ILE A 174 -9.62 17.24 -4.51
C ILE A 174 -10.07 18.60 -5.08
N SER A 175 -9.90 18.78 -6.39
CA SER A 175 -10.37 19.98 -7.06
C SER A 175 -11.88 20.15 -6.85
N ARG A 176 -12.64 19.08 -7.02
CA ARG A 176 -14.09 19.12 -6.84
C ARG A 176 -14.44 19.41 -5.38
N TYR A 177 -13.67 18.85 -4.45
CA TYR A 177 -13.89 19.11 -3.03
C TYR A 177 -13.68 20.61 -2.74
N LYS A 178 -12.68 21.20 -3.38
CA LYS A 178 -12.36 22.62 -3.17
C LYS A 178 -13.43 23.55 -3.76
N GLU A 179 -14.20 23.06 -4.73
CA GLU A 179 -15.38 23.77 -5.23
C GLU A 179 -16.62 23.63 -4.31
N GLY A 180 -16.48 22.87 -3.23
CA GLY A 180 -17.55 22.68 -2.24
C GLY A 180 -18.56 21.59 -2.57
N LYS A 181 -18.19 20.69 -3.49
CA LYS A 181 -19.07 19.60 -3.92
C LYS A 181 -18.74 18.30 -3.17
N PRO A 182 -19.70 17.38 -3.06
CA PRO A 182 -19.48 16.13 -2.33
C PRO A 182 -18.55 15.19 -3.08
N VAL A 183 -17.73 14.45 -2.32
CA VAL A 183 -16.78 13.53 -2.92
C VAL A 183 -16.80 12.19 -2.20
N PHE A 184 -16.37 11.16 -2.93
CA PHE A 184 -16.46 9.78 -2.45
C PHE A 184 -15.31 8.99 -3.06
N TYR A 185 -14.42 8.48 -2.21
CA TYR A 185 -13.22 7.83 -2.68
C TYR A 185 -12.71 6.80 -1.66
N TYR A 186 -11.92 5.86 -2.15
CA TYR A 186 -11.10 4.95 -1.37
C TYR A 186 -9.69 5.53 -1.27
N THR A 187 -9.06 5.37 -0.12
CA THR A 187 -7.63 5.63 -0.03
C THR A 187 -6.97 4.74 1.01
N TRP A 188 -5.65 4.83 1.07
CA TRP A 188 -4.86 4.12 2.05
C TRP A 188 -3.76 5.02 2.59
N THR A 189 -3.20 4.61 3.72
CA THR A 189 -1.94 5.13 4.21
C THR A 189 -0.94 3.99 4.20
N PRO A 190 0.33 4.28 3.96
CA PRO A 190 0.83 5.62 3.69
C PRO A 190 0.67 6.02 2.23
N TYR A 191 0.22 7.25 2.02
CA TYR A 191 0.13 7.88 0.71
C TYR A 191 -0.11 9.39 0.89
N TRP A 192 0.01 10.16 -0.18
CA TRP A 192 -0.07 11.63 -0.07
C TRP A 192 -1.50 12.20 0.17
N VAL A 193 -2.54 11.48 -0.24
CA VAL A 193 -3.93 11.96 -0.14
C VAL A 193 -4.37 12.37 1.27
N SER A 194 -3.98 11.59 2.28
CA SER A 194 -4.39 11.83 3.65
C SER A 194 -3.78 13.12 4.25
N ASN A 195 -2.68 13.58 3.66
CA ASN A 195 -2.10 14.88 3.96
C ASN A 195 -2.92 16.06 3.42
N GLU A 196 -3.62 15.85 2.31
CA GLU A 196 -4.47 16.88 1.68
C GLU A 196 -5.92 16.90 2.18
N LEU A 197 -6.48 15.72 2.38
CA LEU A 197 -7.83 15.55 2.90
C LEU A 197 -7.76 14.77 4.23
N LYS A 198 -7.91 15.47 5.34
CA LYS A 198 -7.66 14.91 6.66
C LYS A 198 -8.97 14.51 7.32
N PRO A 199 -9.10 13.26 7.79
CA PRO A 199 -10.28 12.83 8.54
C PRO A 199 -10.52 13.73 9.75
N GLY A 200 -11.78 14.12 9.97
CA GLY A 200 -12.16 15.00 11.06
C GLY A 200 -12.19 16.48 10.72
N LYS A 201 -11.51 16.85 9.65
CA LYS A 201 -11.46 18.21 9.16
C LYS A 201 -12.14 18.29 7.79
N ASP A 202 -11.61 17.56 6.82
CA ASP A 202 -12.12 17.58 5.46
C ASP A 202 -13.08 16.46 5.18
N VAL A 203 -12.76 15.27 5.68
CA VAL A 203 -13.43 14.04 5.30
C VAL A 203 -13.71 13.21 6.54
N VAL A 204 -14.54 12.17 6.37
CA VAL A 204 -14.78 11.15 7.40
C VAL A 204 -14.70 9.76 6.78
N TRP A 205 -14.25 8.77 7.54
CA TRP A 205 -14.28 7.37 7.09
C TRP A 205 -15.71 6.86 7.23
N LEU A 206 -16.12 5.99 6.33
CA LEU A 206 -17.41 5.32 6.41
C LEU A 206 -17.23 3.93 6.97
N GLN A 207 -18.17 3.49 7.79
CA GLN A 207 -18.24 2.09 8.20
C GLN A 207 -18.92 1.25 7.12
N VAL A 208 -18.80 -0.06 7.26
CA VAL A 208 -19.47 -1.02 6.39
C VAL A 208 -20.45 -1.85 7.23
N PRO A 209 -21.43 -2.49 6.60
CA PRO A 209 -22.50 -3.17 7.37
C PRO A 209 -22.08 -4.55 7.87
N PHE A 210 -21.13 -5.20 7.23
CA PHE A 210 -20.55 -6.45 7.72
C PHE A 210 -19.22 -6.72 6.99
N SER A 211 -18.50 -7.75 7.45
CA SER A 211 -17.20 -8.09 6.91
C SER A 211 -17.30 -8.83 5.59
N ALA A 212 -16.49 -8.43 4.63
CA ALA A 212 -16.48 -9.07 3.32
C ALA A 212 -15.14 -8.80 2.63
N LEU A 213 -14.36 -9.86 2.44
CA LEU A 213 -13.13 -9.79 1.65
C LEU A 213 -13.09 -10.98 0.68
N PRO A 214 -12.54 -10.76 -0.52
CA PRO A 214 -12.46 -11.83 -1.52
C PRO A 214 -11.51 -12.94 -1.09
N GLY A 215 -11.94 -14.18 -1.29
CA GLY A 215 -11.09 -15.33 -1.05
C GLY A 215 -10.97 -15.81 0.38
N ASP A 216 -11.66 -15.15 1.31
CA ASP A 216 -11.71 -15.62 2.69
C ASP A 216 -13.13 -15.42 3.20
N LYS A 217 -13.93 -16.50 3.14
CA LYS A 217 -15.33 -16.52 3.61
C LYS A 217 -15.50 -16.16 5.10
N ASN A 218 -14.48 -16.43 5.91
CA ASN A 218 -14.55 -16.16 7.36
C ASN A 218 -13.73 -14.94 7.78
N ALA A 219 -13.53 -13.97 6.88
CA ALA A 219 -12.81 -12.75 7.23
C ALA A 219 -13.59 -11.96 8.26
N ASP A 220 -12.88 -11.34 9.19
CA ASP A 220 -13.50 -10.56 10.25
C ASP A 220 -12.69 -9.28 10.44
N THR A 221 -13.20 -8.18 9.89
CA THR A 221 -12.52 -6.89 9.98
C THR A 221 -13.09 -6.00 11.07
N LYS A 222 -13.95 -6.53 11.94
CA LYS A 222 -14.53 -5.78 13.06
C LYS A 222 -13.47 -5.42 14.09
N LEU A 223 -13.64 -4.27 14.75
CA LEU A 223 -12.83 -3.85 15.90
C LEU A 223 -13.56 -4.34 17.15
N PRO A 224 -12.88 -4.37 18.29
CA PRO A 224 -13.46 -4.95 19.51
C PRO A 224 -14.84 -4.38 19.92
N ASN A 225 -15.06 -3.07 19.69
CA ASN A 225 -16.35 -2.44 20.00
C ASN A 225 -17.47 -2.67 18.95
N GLY A 226 -17.19 -3.49 17.94
CA GLY A 226 -18.17 -3.79 16.89
C GLY A 226 -18.19 -2.83 15.70
N ALA A 227 -17.25 -1.87 15.65
CA ALA A 227 -17.17 -0.94 14.52
C ALA A 227 -16.33 -1.57 13.42
N ASN A 228 -16.75 -1.36 12.17
CA ASN A 228 -16.15 -2.03 11.03
C ASN A 228 -15.96 -1.03 9.89
N TYR A 229 -14.73 -0.88 9.40
CA TYR A 229 -14.40 0.03 8.29
C TYR A 229 -14.11 -0.72 6.99
N GLY A 230 -14.24 -2.06 7.02
CA GLY A 230 -14.14 -2.89 5.85
C GLY A 230 -12.79 -3.51 5.58
N PHE A 231 -11.76 -3.03 6.27
CA PHE A 231 -10.41 -3.52 6.12
C PHE A 231 -9.73 -3.59 7.47
N PRO A 232 -8.90 -4.59 7.68
CA PRO A 232 -8.16 -4.68 8.95
C PRO A 232 -7.01 -3.67 8.96
N VAL A 233 -6.36 -3.53 10.12
CA VAL A 233 -5.09 -2.84 10.16
C VAL A 233 -4.19 -3.69 9.22
N SER A 234 -3.55 -3.05 8.25
CA SER A 234 -2.80 -3.78 7.23
C SER A 234 -1.31 -3.58 7.40
N THR A 235 -0.52 -4.51 6.87
CA THR A 235 0.94 -4.47 6.98
C THR A 235 1.61 -4.69 5.64
N MET A 236 2.85 -4.22 5.53
CA MET A 236 3.67 -4.56 4.37
C MET A 236 4.85 -5.40 4.79
N HIS A 237 5.32 -6.24 3.87
CA HIS A 237 6.43 -7.14 4.13
C HIS A 237 7.43 -7.12 2.99
N ILE A 238 8.64 -7.51 3.32
CA ILE A 238 9.63 -7.79 2.32
C ILE A 238 9.47 -9.26 1.99
N VAL A 239 9.40 -9.54 0.70
CA VAL A 239 9.26 -10.86 0.16
C VAL A 239 10.42 -11.06 -0.80
N ALA A 240 11.08 -12.22 -0.67
CA ALA A 240 12.17 -12.58 -1.55
C ALA A 240 11.92 -13.93 -2.20
N ASN A 241 12.61 -14.17 -3.30
CA ASN A 241 12.69 -15.51 -3.86
C ASN A 241 13.27 -16.47 -2.79
N LYS A 242 12.57 -17.56 -2.51
CA LYS A 242 12.94 -18.47 -1.42
C LYS A 242 14.33 -19.06 -1.63
N ALA A 243 14.60 -19.53 -2.84
CA ALA A 243 15.86 -20.20 -3.15
C ALA A 243 17.03 -19.23 -3.01
N TRP A 244 16.88 -18.01 -3.53
CA TRP A 244 17.89 -16.97 -3.32
C TRP A 244 18.11 -16.70 -1.83
N ALA A 245 17.04 -16.67 -1.05
CA ALA A 245 17.15 -16.35 0.39
C ALA A 245 17.92 -17.43 1.14
N GLU A 246 17.71 -18.69 0.74
CA GLU A 246 18.38 -19.83 1.38
C GLU A 246 19.89 -19.78 1.14
N LYS A 247 20.30 -19.21 0.02
CA LYS A 247 21.71 -19.11 -0.34
C LYS A 247 22.36 -17.84 0.18
N ASN A 248 21.55 -16.94 0.74
CA ASN A 248 22.05 -15.64 1.18
C ASN A 248 21.54 -15.30 2.57
N PRO A 249 21.98 -16.04 3.59
CA PRO A 249 21.49 -15.85 4.96
C PRO A 249 21.68 -14.46 5.55
N ALA A 250 22.70 -13.69 5.17
CA ALA A 250 22.82 -12.32 5.67
C ALA A 250 21.65 -11.46 5.21
N ALA A 251 21.32 -11.56 3.92
CA ALA A 251 20.17 -10.87 3.36
C ALA A 251 18.85 -11.35 3.97
N ALA A 252 18.71 -12.67 4.14
CA ALA A 252 17.52 -13.24 4.74
C ALA A 252 17.28 -12.64 6.11
N LYS A 253 18.32 -12.55 6.93
CA LYS A 253 18.19 -11.97 8.28
C LYS A 253 17.79 -10.49 8.20
N LEU A 254 18.46 -9.75 7.33
CA LEU A 254 18.17 -8.33 7.15
C LEU A 254 16.69 -8.12 6.82
N PHE A 255 16.15 -8.94 5.92
CA PHE A 255 14.77 -8.82 5.49
C PHE A 255 13.82 -9.06 6.66
N ALA A 256 14.20 -9.93 7.59
CA ALA A 256 13.31 -10.28 8.73
C ALA A 256 13.24 -9.18 9.77
N ILE A 257 14.27 -8.33 9.85
CA ILE A 257 14.36 -7.38 10.98
C ILE A 257 14.15 -5.91 10.64
N MET A 258 14.22 -5.55 9.37
CA MET A 258 13.99 -4.16 8.99
C MET A 258 12.55 -3.78 9.25
N GLN A 259 12.39 -2.53 9.69
CA GLN A 259 11.13 -1.95 10.13
C GLN A 259 11.14 -0.47 9.83
N LEU A 260 10.11 0.03 9.19
CA LEU A 260 9.99 1.44 8.83
C LEU A 260 8.64 1.95 9.33
N PRO A 261 8.64 3.00 10.15
CA PRO A 261 7.37 3.59 10.61
C PRO A 261 6.52 4.12 9.47
N VAL A 262 5.22 3.80 9.49
CA VAL A 262 4.29 4.29 8.48
C VAL A 262 4.29 5.82 8.40
N ALA A 263 4.50 6.49 9.53
CA ALA A 263 4.56 7.95 9.54
C ALA A 263 5.73 8.50 8.71
N ASP A 264 6.86 7.82 8.70
CA ASP A 264 8.00 8.27 7.89
C ASP A 264 7.73 8.18 6.38
N ILE A 265 7.02 7.14 5.96
CA ILE A 265 6.67 6.99 4.55
C ILE A 265 5.61 8.04 4.17
N ASN A 266 4.63 8.22 5.04
CA ASN A 266 3.65 9.30 4.88
C ASN A 266 4.31 10.67 4.66
N ALA A 267 5.30 10.98 5.51
CA ALA A 267 6.02 12.25 5.43
C ALA A 267 6.81 12.36 4.12
N GLN A 268 7.49 11.29 3.72
CA GLN A 268 8.21 11.31 2.46
C GLN A 268 7.26 11.47 1.27
N ASN A 269 6.11 10.82 1.31
CA ASN A 269 5.18 10.84 0.19
C ASN A 269 4.58 12.25 0.05
N ALA A 270 4.34 12.91 1.19
CA ALA A 270 3.82 14.28 1.22
C ALA A 270 4.83 15.26 0.62
N ILE A 271 6.11 15.10 0.93
CA ILE A 271 7.18 15.93 0.34
C ILE A 271 7.28 15.76 -1.16
N MET A 272 7.24 14.52 -1.63
CA MET A 272 7.21 14.20 -3.06
C MET A 272 6.09 14.93 -3.78
N HIS A 273 4.93 14.92 -3.15
CA HIS A 273 3.73 15.45 -3.76
C HIS A 273 3.80 16.98 -3.85
N ASP A 274 4.48 17.62 -2.90
CA ASP A 274 4.79 19.04 -2.98
C ASP A 274 5.96 19.37 -3.94
N GLY A 275 6.21 18.52 -4.94
CA GLY A 275 7.11 18.85 -6.04
C GLY A 275 8.46 18.17 -6.11
N LYS A 276 8.98 17.68 -4.99
CA LYS A 276 10.32 17.05 -4.96
C LYS A 276 10.22 15.54 -5.19
N ALA A 277 10.02 15.15 -6.44
CA ALA A 277 9.69 13.76 -6.77
C ALA A 277 10.58 13.17 -7.85
N SER A 278 11.73 13.78 -8.13
CA SER A 278 12.67 13.21 -9.08
C SER A 278 13.45 12.09 -8.41
N GLU A 279 14.05 11.22 -9.23
CA GLU A 279 14.91 10.14 -8.72
C GLU A 279 15.95 10.67 -7.72
N GLY A 280 16.56 11.82 -8.03
CA GLY A 280 17.59 12.39 -7.20
C GLY A 280 17.10 12.86 -5.84
N ASP A 281 15.90 13.43 -5.80
CA ASP A 281 15.30 13.86 -4.54
C ASP A 281 14.95 12.66 -3.64
N ILE A 282 14.48 11.57 -4.25
CA ILE A 282 14.06 10.40 -3.47
C ILE A 282 15.30 9.74 -2.88
N GLN A 283 16.40 9.71 -3.63
CA GLN A 283 17.66 9.17 -3.13
C GLN A 283 18.12 9.94 -1.90
N GLY A 284 17.95 11.26 -1.91
CA GLY A 284 18.30 12.08 -0.78
C GLY A 284 17.37 11.93 0.41
N HIS A 285 16.10 11.61 0.15
CA HIS A 285 15.15 11.30 1.21
C HIS A 285 15.63 10.05 1.95
N VAL A 286 16.08 9.05 1.19
CA VAL A 286 16.55 7.79 1.73
C VAL A 286 17.83 8.02 2.53
N ASP A 287 18.78 8.71 1.94
CA ASP A 287 20.04 9.05 2.63
C ASP A 287 19.83 9.88 3.89
N GLY A 288 18.85 10.78 3.88
CA GLY A 288 18.55 11.62 5.04
C GLY A 288 17.86 10.86 6.14
N TRP A 289 17.02 9.90 5.77
CA TRP A 289 16.38 9.04 6.77
C TRP A 289 17.46 8.23 7.50
N ILE A 290 18.40 7.68 6.74
CA ILE A 290 19.45 6.82 7.31
C ILE A 290 20.31 7.59 8.30
N LYS A 291 20.79 8.75 7.87
CA LYS A 291 21.60 9.62 8.74
C LYS A 291 20.85 9.94 10.04
N ALA A 292 19.56 10.23 9.96
CA ALA A 292 18.72 10.50 11.14
C ALA A 292 18.38 9.28 12.02
N HIS A 293 18.55 8.07 11.49
CA HIS A 293 18.34 6.85 12.25
C HIS A 293 19.57 5.94 12.17
N GLN A 294 20.77 6.53 12.24
CA GLN A 294 22.01 5.80 11.93
C GLN A 294 22.25 4.62 12.85
N GLN A 295 21.95 4.77 14.14
CA GLN A 295 22.13 3.68 15.12
C GLN A 295 21.25 2.48 14.76
N GLN A 296 19.98 2.76 14.52
CA GLN A 296 19.06 1.72 14.11
C GLN A 296 19.50 1.04 12.82
N PHE A 297 19.83 1.82 11.80
CA PHE A 297 20.22 1.28 10.50
C PHE A 297 21.47 0.40 10.61
N ASP A 298 22.48 0.92 11.31
CA ASP A 298 23.72 0.18 11.52
C ASP A 298 23.47 -1.09 12.33
N GLY A 299 22.54 -1.04 13.27
CA GLY A 299 22.18 -2.24 14.05
C GLY A 299 21.63 -3.38 13.20
N TRP A 300 20.76 -3.04 12.25
CA TRP A 300 20.23 -4.02 11.28
C TRP A 300 21.37 -4.65 10.47
N VAL A 301 22.28 -3.80 10.01
CA VAL A 301 23.40 -4.26 9.19
C VAL A 301 24.32 -5.21 9.99
N ASN A 302 24.65 -4.82 11.22
CA ASN A 302 25.46 -5.63 12.14
C ASN A 302 24.83 -6.98 12.50
N GLU A 303 23.52 -7.00 12.71
CA GLU A 303 22.81 -8.26 12.95
C GLU A 303 22.84 -9.15 11.72
N ALA A 304 22.65 -8.58 10.54
CA ALA A 304 22.66 -9.34 9.30
C ALA A 304 24.03 -9.96 9.06
N LEU A 305 25.07 -9.17 9.32
CA LEU A 305 26.45 -9.63 9.12
C LEU A 305 26.87 -10.71 10.12
N ALA A 306 26.18 -10.77 11.26
CA ALA A 306 26.45 -11.74 12.32
C ALA A 306 25.66 -13.03 12.17
N ALA A 307 24.80 -13.12 11.16
CA ALA A 307 24.13 -14.38 10.86
C ALA A 307 25.14 -15.47 10.52
N GLN A 308 24.69 -16.72 10.51
CA GLN A 308 25.56 -17.81 10.09
C GLN A 308 25.67 -17.76 8.56
N LYS A 309 26.71 -17.10 8.10
CA LYS A 309 26.90 -16.80 6.67
C LYS A 309 28.29 -17.22 6.22
UNK UNX B . -22.39 8.59 -11.69
N PBE C . -2.19 -0.23 -2.99
CD PBE C . -3.26 0.21 -2.09
CA PBE C . -2.29 -1.65 -2.81
CB PBE C . -2.41 -1.94 -1.37
CG PBE C . -3.23 -0.74 -0.90
CE PBE C . -2.43 0.25 -4.35
CF PBE C . -0.92 0.35 -2.52
C PBE C . -3.01 -2.49 -3.57
O PBE C . -4.20 -2.26 -3.72
OXT PBE C . -2.56 -3.52 -4.06
#